data_5DLD
#
_entry.id   5DLD
#
_cell.length_a   116.000
_cell.length_b   81.410
_cell.length_c   55.160
_cell.angle_alpha   90.000
_cell.angle_beta   98.030
_cell.angle_gamma   90.000
#
_symmetry.space_group_name_H-M   'C 1 2 1'
#
loop_
_entity.id
_entity.type
_entity.pdbx_description
1 polymer 'UDP-N-Acetylglucosamine 2-epimerase'
2 non-polymer "URIDINE-5'-DIPHOSPHATE"
3 non-polymer URIDINE-DIPHOSPHATE-N-ACETYLGLUCOSAMINE
4 non-polymer 1,2-ETHANEDIOL
5 non-polymer 'ACETATE ION'
6 non-polymer 'SODIUM ION'
7 non-polymer GLYCEROL
8 water water
#
_entity_poly.entity_id   1
_entity_poly.type   'polypeptide(L)'
_entity_poly.pdbx_seq_one_letter_code
;MAHHHHHHMKKILLVFGTRPEAIKMAPLVRALKARADVDAKVCVTAQHRQMLDQVLSLFDIEPDYDLDLMRQGQTLSDVT
TGILHAIGAVFDDLRPDIVLVHGDTTTTLAVSLAAFYRYLPIGHVEAGLRSGDIWSPWPEELNRRVTDAVSSWHFAPTGQ
ARDNLLSEGVPVGSVVMTGNTVIDALHDVKHMLERDDALSREVAARFPFLDPTARMVLITGHRRESFGEPFRNFCEALRT
LAHRYRDAQFVYPLHLNPNVREPALALLGGEANIYLIEPQEYLAFVYLMSRSHFIITDSGGIQEEGPALGKPVLVTRDTT
ERPEAIRAGTARLVGTDPELIVREASRLFDSASAYDEMARASNPYGDGHASERIVHALMHTPASSANTTSFSMGAAELPL
NALTLGLQALRSP
;
_entity_poly.pdbx_strand_id   A
#
# COMPACT_ATOMS: atom_id res chain seq x y z
N HIS A 8 -25.32 -0.96 20.02
CA HIS A 8 -24.66 -0.73 18.74
C HIS A 8 -25.63 -0.05 17.78
N MET A 9 -26.11 1.13 18.16
CA MET A 9 -27.06 1.86 17.33
C MET A 9 -26.42 2.36 16.04
N LYS A 10 -25.26 3.00 16.16
CA LYS A 10 -24.55 3.48 14.96
C LYS A 10 -24.02 2.32 14.12
N LYS A 11 -24.43 2.27 12.86
CA LYS A 11 -23.97 1.22 11.95
C LYS A 11 -22.89 1.76 11.01
N ILE A 12 -21.70 1.19 11.08
CA ILE A 12 -20.57 1.61 10.24
C ILE A 12 -20.14 0.48 9.33
N LEU A 13 -20.17 0.72 8.03
CA LEU A 13 -19.73 -0.28 7.06
C LEU A 13 -18.36 0.12 6.49
N LEU A 14 -17.37 -0.73 6.70
CA LEU A 14 -16.04 -0.52 6.11
C LEU A 14 -15.93 -1.35 4.84
N VAL A 15 -15.50 -0.71 3.75
CA VAL A 15 -15.43 -1.39 2.45
C VAL A 15 -14.07 -1.21 1.83
N PHE A 16 -13.48 -2.32 1.39
CA PHE A 16 -12.18 -2.26 0.73
C PHE A 16 -11.97 -3.49 -0.11
N GLY A 17 -10.98 -3.44 -1.01
CA GLY A 17 -10.87 -4.51 -1.98
C GLY A 17 -9.50 -5.10 -2.27
N THR A 18 -8.44 -4.41 -1.85
CA THR A 18 -7.08 -4.76 -2.29
C THR A 18 -6.12 -4.87 -1.12
N ARG A 19 -4.95 -5.43 -1.38
CA ARG A 19 -3.89 -5.53 -0.37
C ARG A 19 -3.60 -4.22 0.42
N PRO A 20 -3.30 -3.10 -0.27
CA PRO A 20 -2.91 -1.92 0.52
C PRO A 20 -4.07 -1.36 1.35
N GLU A 21 -5.28 -1.38 0.81
CA GLU A 21 -6.44 -0.94 1.58
C GLU A 21 -6.64 -1.82 2.81
N ALA A 22 -6.53 -3.13 2.65
CA ALA A 22 -6.77 -4.06 3.75
C ALA A 22 -5.77 -3.86 4.89
N ILE A 23 -4.49 -3.69 4.54
CA ILE A 23 -3.46 -3.42 5.55
C ILE A 23 -3.77 -2.13 6.31
N LYS A 24 -4.10 -1.08 5.56
CA LYS A 24 -4.35 0.22 6.17
C LYS A 24 -5.69 0.27 6.94
N MET A 25 -6.66 -0.54 6.52
CA MET A 25 -7.96 -0.53 7.20
C MET A 25 -7.98 -1.48 8.39
N ALA A 26 -7.08 -2.46 8.43
CA ALA A 26 -7.12 -3.47 9.48
C ALA A 26 -7.13 -2.92 10.92
N PRO A 27 -6.26 -1.93 11.24
CA PRO A 27 -6.30 -1.42 12.62
C PRO A 27 -7.61 -0.69 12.94
N LEU A 28 -8.22 -0.08 11.92
CA LEU A 28 -9.45 0.66 12.11
C LEU A 28 -10.62 -0.30 12.26
N VAL A 29 -10.61 -1.36 11.46
CA VAL A 29 -11.58 -2.44 11.63
C VAL A 29 -11.53 -2.98 13.06
N ARG A 30 -10.33 -3.28 13.54
CA ARG A 30 -10.16 -3.81 14.89
C ARG A 30 -10.72 -2.86 15.94
N ALA A 31 -10.40 -1.58 15.81
CA ALA A 31 -10.82 -0.58 16.78
C ALA A 31 -12.34 -0.44 16.83
N LEU A 32 -12.98 -0.44 15.66
CA LEU A 32 -14.43 -0.25 15.58
C LEU A 32 -15.19 -1.52 16.00
N LYS A 33 -14.70 -2.68 15.59
CA LYS A 33 -15.33 -3.93 15.99
C LYS A 33 -15.29 -4.12 17.50
N ALA A 34 -14.23 -3.62 18.13
CA ALA A 34 -14.06 -3.79 19.56
C ALA A 34 -15.14 -3.09 20.38
N ARG A 35 -15.67 -1.99 19.84
CA ARG A 35 -16.64 -1.18 20.56
C ARG A 35 -18.02 -1.84 20.64
N ALA A 36 -18.67 -1.68 21.78
CA ALA A 36 -19.99 -2.26 22.01
C ALA A 36 -21.10 -1.29 21.64
N ASP A 37 -20.73 -0.04 21.35
CA ASP A 37 -21.71 0.99 20.99
C ASP A 37 -21.68 1.32 19.49
N VAL A 38 -20.97 0.48 18.72
CA VAL A 38 -20.93 0.58 17.27
C VAL A 38 -21.26 -0.78 16.70
N ASP A 39 -22.05 -0.81 15.63
CA ASP A 39 -22.23 -2.03 14.86
C ASP A 39 -21.34 -1.91 13.63
N ALA A 40 -20.11 -2.40 13.74
CA ALA A 40 -19.13 -2.30 12.66
C ALA A 40 -19.15 -3.56 11.80
N LYS A 41 -19.37 -3.38 10.50
CA LYS A 41 -19.39 -4.47 9.53
C LYS A 41 -18.37 -4.24 8.43
N VAL A 42 -17.86 -5.33 7.88
CA VAL A 42 -16.85 -5.28 6.82
C VAL A 42 -17.39 -5.92 5.52
N CYS A 43 -17.32 -5.17 4.42
CA CYS A 43 -17.56 -5.73 3.11
C CYS A 43 -16.27 -5.64 2.31
N VAL A 44 -15.79 -6.78 1.80
CA VAL A 44 -14.70 -6.73 0.83
C VAL A 44 -15.27 -6.87 -0.58
N THR A 45 -14.74 -6.10 -1.52
CA THR A 45 -15.19 -6.21 -2.91
C THR A 45 -14.50 -7.38 -3.61
N ALA A 46 -13.41 -7.87 -3.00
CA ALA A 46 -12.55 -8.87 -3.62
C ALA A 46 -12.08 -8.46 -5.01
N GLN A 47 -11.74 -7.18 -5.15
CA GLN A 47 -11.00 -6.71 -6.33
C GLN A 47 -9.69 -7.52 -6.43
N HIS A 48 -9.09 -7.78 -5.28
CA HIS A 48 -8.01 -8.77 -5.14
C HIS A 48 -8.57 -10.03 -4.48
N ARG A 49 -7.90 -11.16 -4.69
CA ARG A 49 -8.27 -12.39 -3.99
C ARG A 49 -7.13 -12.85 -3.08
N GLN A 50 -6.11 -13.53 -3.62
CA GLN A 50 -5.00 -13.96 -2.78
CA GLN A 50 -4.98 -13.96 -2.81
C GLN A 50 -4.33 -12.82 -2.01
N MET A 51 -4.09 -11.70 -2.67
CA MET A 51 -3.38 -10.60 -2.01
C MET A 51 -4.23 -9.89 -0.96
N LEU A 52 -5.55 -10.02 -1.07
CA LEU A 52 -6.47 -9.57 -0.03
C LEU A 52 -6.53 -10.59 1.10
N ASP A 53 -6.69 -11.85 0.74
CA ASP A 53 -6.82 -12.94 1.73
C ASP A 53 -5.60 -13.03 2.65
N GLN A 54 -4.41 -12.75 2.12
CA GLN A 54 -3.20 -12.75 2.95
C GLN A 54 -3.31 -11.76 4.10
N VAL A 55 -3.97 -10.63 3.86
CA VAL A 55 -4.14 -9.63 4.89
C VAL A 55 -5.26 -10.01 5.86
N LEU A 56 -6.40 -10.46 5.31
CA LEU A 56 -7.51 -10.87 6.14
C LEU A 56 -7.11 -11.97 7.12
N SER A 57 -6.32 -12.93 6.66
CA SER A 57 -5.88 -14.03 7.50
CA SER A 57 -5.90 -14.03 7.53
C SER A 57 -4.92 -13.56 8.61
N LEU A 58 -3.95 -12.74 8.23
CA LEU A 58 -2.98 -12.26 9.21
C LEU A 58 -3.63 -11.47 10.35
N PHE A 59 -4.58 -10.60 10.02
CA PHE A 59 -5.22 -9.74 11.01
C PHE A 59 -6.51 -10.33 11.59
N ASP A 60 -6.82 -11.57 11.21
N ASP A 60 -6.80 -11.56 11.21
CA ASP A 60 -8.00 -12.27 11.71
CA ASP A 60 -7.99 -12.28 11.68
C ASP A 60 -9.30 -11.52 11.46
C ASP A 60 -9.27 -11.47 11.46
N ILE A 61 -9.49 -11.06 10.21
CA ILE A 61 -10.69 -10.35 9.83
C ILE A 61 -11.51 -11.25 8.94
N GLU A 62 -12.72 -11.58 9.39
CA GLU A 62 -13.66 -12.35 8.57
C GLU A 62 -14.72 -11.38 8.06
N PRO A 63 -14.67 -11.07 6.76
CA PRO A 63 -15.65 -10.11 6.24
C PRO A 63 -17.10 -10.58 6.40
N ASP A 64 -17.99 -9.62 6.62
CA ASP A 64 -19.42 -9.93 6.72
C ASP A 64 -20.06 -10.09 5.35
N TYR A 65 -19.44 -9.46 4.34
CA TYR A 65 -19.89 -9.54 2.95
C TYR A 65 -18.65 -9.65 2.07
N ASP A 66 -18.75 -10.40 0.98
CA ASP A 66 -17.66 -10.54 0.03
C ASP A 66 -18.28 -10.51 -1.36
N LEU A 67 -17.99 -9.47 -2.13
CA LEU A 67 -18.61 -9.30 -3.45
C LEU A 67 -18.01 -10.21 -4.53
N ASP A 68 -16.90 -10.88 -4.22
CA ASP A 68 -16.44 -12.01 -5.03
C ASP A 68 -16.10 -11.60 -6.47
N LEU A 69 -15.50 -10.41 -6.65
CA LEU A 69 -15.43 -9.85 -7.99
C LEU A 69 -14.24 -10.25 -8.87
N MET A 70 -13.09 -10.55 -8.26
CA MET A 70 -11.88 -10.70 -9.07
CA MET A 70 -11.86 -10.73 -9.04
C MET A 70 -12.01 -11.77 -10.14
N ARG A 71 -11.55 -11.42 -11.34
CA ARG A 71 -11.35 -12.39 -12.40
C ARG A 71 -9.96 -12.13 -12.99
N GLN A 72 -9.36 -13.15 -13.56
CA GLN A 72 -8.06 -12.99 -14.20
C GLN A 72 -8.09 -11.95 -15.30
N GLY A 73 -7.13 -11.02 -15.26
CA GLY A 73 -6.99 -10.03 -16.31
C GLY A 73 -8.15 -9.04 -16.43
N GLN A 74 -8.75 -8.69 -15.29
CA GLN A 74 -9.91 -7.79 -15.28
C GLN A 74 -9.54 -6.38 -15.70
N THR A 75 -10.53 -5.65 -16.21
CA THR A 75 -10.32 -4.27 -16.60
C THR A 75 -10.85 -3.31 -15.55
N LEU A 76 -10.47 -2.03 -15.67
CA LEU A 76 -11.00 -1.00 -14.80
C LEU A 76 -12.53 -0.93 -14.85
N SER A 77 -13.09 -1.07 -16.06
CA SER A 77 -14.54 -1.07 -16.22
CA SER A 77 -14.53 -1.05 -16.21
C SER A 77 -15.18 -2.25 -15.50
N ASP A 78 -14.55 -3.42 -15.62
CA ASP A 78 -15.05 -4.64 -14.96
C ASP A 78 -15.21 -4.42 -13.46
N VAL A 79 -14.17 -3.86 -12.84
CA VAL A 79 -14.19 -3.66 -11.41
C VAL A 79 -15.26 -2.63 -11.04
N THR A 80 -15.32 -1.54 -11.81
CA THR A 80 -16.27 -0.47 -11.54
C THR A 80 -17.72 -0.98 -11.61
N THR A 81 -18.06 -1.66 -12.71
CA THR A 81 -19.42 -2.18 -12.87
C THR A 81 -19.74 -3.28 -11.85
N GLY A 82 -18.76 -4.15 -11.59
CA GLY A 82 -18.96 -5.23 -10.64
C GLY A 82 -19.37 -4.71 -9.28
N ILE A 83 -18.68 -3.68 -8.81
CA ILE A 83 -19.00 -3.08 -7.52
C ILE A 83 -20.36 -2.39 -7.54
N LEU A 84 -20.61 -1.56 -8.55
CA LEU A 84 -21.88 -0.84 -8.61
C LEU A 84 -23.07 -1.81 -8.62
N HIS A 85 -22.94 -2.94 -9.31
CA HIS A 85 -24.02 -3.92 -9.35
C HIS A 85 -24.24 -4.60 -8.02
N ALA A 86 -23.14 -4.99 -7.37
CA ALA A 86 -23.22 -5.87 -6.21
C ALA A 86 -23.33 -5.19 -4.84
N ILE A 87 -22.87 -3.95 -4.75
CA ILE A 87 -22.80 -3.29 -3.44
C ILE A 87 -24.18 -2.89 -2.92
N GLY A 88 -25.12 -2.64 -3.82
CA GLY A 88 -26.45 -2.21 -3.43
C GLY A 88 -27.14 -3.15 -2.45
N ALA A 89 -27.01 -4.46 -2.69
CA ALA A 89 -27.61 -5.46 -1.82
C ALA A 89 -27.02 -5.38 -0.40
N VAL A 90 -25.75 -5.02 -0.31
CA VAL A 90 -25.09 -4.85 0.97
C VAL A 90 -25.66 -3.64 1.69
N PHE A 91 -25.71 -2.51 1.00
CA PHE A 91 -26.28 -1.28 1.56
C PHE A 91 -27.72 -1.54 2.01
N ASP A 92 -28.49 -2.25 1.18
CA ASP A 92 -29.89 -2.55 1.50
C ASP A 92 -30.02 -3.45 2.74
N ASP A 93 -29.12 -4.40 2.88
CA ASP A 93 -29.19 -5.36 3.98
C ASP A 93 -28.87 -4.72 5.32
N LEU A 94 -27.81 -3.91 5.34
CA LEU A 94 -27.32 -3.33 6.59
C LEU A 94 -27.94 -1.99 6.94
N ARG A 95 -28.24 -1.19 5.90
CA ARG A 95 -28.67 0.20 6.08
C ARG A 95 -27.69 0.96 6.97
N PRO A 96 -26.43 1.09 6.54
CA PRO A 96 -25.44 1.72 7.40
C PRO A 96 -25.67 3.22 7.56
N ASP A 97 -25.18 3.77 8.67
CA ASP A 97 -25.23 5.21 8.90
C ASP A 97 -24.07 5.92 8.21
N ILE A 98 -22.96 5.19 8.05
CA ILE A 98 -21.81 5.73 7.35
C ILE A 98 -21.05 4.59 6.66
N VAL A 99 -20.49 4.89 5.50
CA VAL A 99 -19.63 3.98 4.76
CA VAL A 99 -19.62 3.96 4.82
C VAL A 99 -18.20 4.51 4.80
N LEU A 100 -17.24 3.69 5.22
CA LEU A 100 -15.84 4.09 5.23
C LEU A 100 -15.13 3.44 4.08
N VAL A 101 -14.44 4.24 3.27
CA VAL A 101 -13.67 3.73 2.14
C VAL A 101 -12.23 4.17 2.33
N HIS A 102 -11.31 3.52 1.62
CA HIS A 102 -9.90 3.79 1.80
C HIS A 102 -9.16 4.19 0.53
N GLY A 103 -8.37 5.25 0.62
CA GLY A 103 -7.31 5.47 -0.35
C GLY A 103 -7.79 5.79 -1.75
N ASP A 104 -7.32 5.04 -2.74
CA ASP A 104 -7.43 5.51 -4.12
C ASP A 104 -7.55 4.41 -5.17
N THR A 105 -8.14 3.28 -4.80
CA THR A 105 -8.34 2.21 -5.77
C THR A 105 -9.66 2.37 -6.50
N THR A 106 -9.89 1.54 -7.49
CA THR A 106 -11.16 1.55 -8.19
C THR A 106 -12.28 1.09 -7.25
N THR A 107 -11.93 0.25 -6.27
CA THR A 107 -12.88 -0.04 -5.19
C THR A 107 -13.32 1.26 -4.50
N THR A 108 -12.36 2.09 -4.11
CA THR A 108 -12.67 3.35 -3.45
C THR A 108 -13.63 4.18 -4.30
N LEU A 109 -13.30 4.33 -5.58
CA LEU A 109 -14.14 5.13 -6.49
C LEU A 109 -15.56 4.56 -6.61
N ALA A 110 -15.67 3.27 -6.89
CA ALA A 110 -16.98 2.71 -7.23
C ALA A 110 -17.88 2.64 -5.99
N VAL A 111 -17.30 2.29 -4.84
CA VAL A 111 -18.07 2.29 -3.60
C VAL A 111 -18.55 3.71 -3.27
N SER A 112 -17.66 4.69 -3.43
CA SER A 112 -18.02 6.07 -3.18
C SER A 112 -19.17 6.55 -4.08
N LEU A 113 -19.08 6.23 -5.37
N LEU A 113 -19.09 6.19 -5.36
CA LEU A 113 -20.16 6.60 -6.29
CA LEU A 113 -20.12 6.58 -6.31
C LEU A 113 -21.47 5.97 -5.86
C LEU A 113 -21.47 5.94 -5.95
N ALA A 114 -21.43 4.67 -5.57
CA ALA A 114 -22.63 3.95 -5.16
C ALA A 114 -23.28 4.58 -3.92
N ALA A 115 -22.45 4.94 -2.94
CA ALA A 115 -22.95 5.56 -1.71
C ALA A 115 -23.49 6.97 -1.97
N PHE A 116 -22.72 7.76 -2.72
CA PHE A 116 -23.12 9.11 -3.10
C PHE A 116 -24.49 9.10 -3.79
N TYR A 117 -24.68 8.13 -4.69
CA TYR A 117 -25.95 7.97 -5.41
C TYR A 117 -27.14 7.69 -4.48
N ARG A 118 -26.88 7.30 -3.25
CA ARG A 118 -27.94 6.91 -2.31
CA ARG A 118 -27.93 6.89 -2.31
C ARG A 118 -27.98 7.82 -1.09
N TYR A 119 -27.23 8.93 -1.15
CA TYR A 119 -27.17 9.86 -0.01
C TYR A 119 -26.61 9.18 1.25
N LEU A 120 -25.78 8.16 1.08
CA LEU A 120 -25.15 7.49 2.21
CA LEU A 120 -25.15 7.48 2.20
C LEU A 120 -23.84 8.20 2.52
N PRO A 121 -23.72 8.77 3.73
CA PRO A 121 -22.51 9.51 4.09
C PRO A 121 -21.25 8.66 3.98
N ILE A 122 -20.20 9.23 3.38
CA ILE A 122 -18.93 8.54 3.16
C ILE A 122 -17.82 9.17 4.00
N GLY A 123 -17.07 8.34 4.71
CA GLY A 123 -15.83 8.80 5.31
C GLY A 123 -14.63 8.26 4.55
N HIS A 124 -13.72 9.15 4.13
CA HIS A 124 -12.55 8.74 3.35
C HIS A 124 -11.32 8.62 4.22
N VAL A 125 -10.90 7.38 4.49
CA VAL A 125 -9.65 7.11 5.19
C VAL A 125 -8.50 7.30 4.19
N GLU A 126 -7.53 8.14 4.57
CA GLU A 126 -6.44 8.56 3.68
C GLU A 126 -6.94 9.50 2.59
N ALA A 127 -7.30 10.71 3.02
CA ALA A 127 -7.93 11.70 2.14
C ALA A 127 -6.94 12.78 1.77
N GLY A 128 -7.06 13.28 0.54
CA GLY A 128 -6.34 14.48 0.14
C GLY A 128 -4.97 14.32 -0.50
N LEU A 129 -4.52 13.09 -0.74
CA LEU A 129 -3.24 12.91 -1.44
C LEU A 129 -3.39 13.33 -2.91
N ARG A 130 -2.42 14.09 -3.41
CA ARG A 130 -2.48 14.58 -4.79
C ARG A 130 -1.11 14.56 -5.46
N SER A 131 -1.08 14.07 -6.71
CA SER A 131 0.11 14.20 -7.56
C SER A 131 0.01 15.44 -8.44
N GLY A 132 -1.21 15.93 -8.65
CA GLY A 132 -1.44 17.02 -9.58
C GLY A 132 -1.48 16.60 -11.03
N ASP A 133 -1.54 15.30 -11.29
CA ASP A 133 -1.52 14.78 -12.66
C ASP A 133 -2.54 13.66 -12.78
N ILE A 134 -3.61 13.90 -13.53
CA ILE A 134 -4.68 12.93 -13.70
C ILE A 134 -4.19 11.67 -14.45
N TRP A 135 -3.02 11.76 -15.07
CA TRP A 135 -2.44 10.62 -15.77
C TRP A 135 -1.29 9.94 -15.03
N SER A 136 -1.00 10.39 -13.82
CA SER A 136 0.08 9.78 -13.05
C SER A 136 -0.06 10.12 -11.57
N PRO A 137 -0.48 9.15 -10.74
CA PRO A 137 -0.78 7.75 -11.08
C PRO A 137 -2.15 7.60 -11.74
N TRP A 138 -2.25 6.65 -12.66
CA TRP A 138 -3.46 6.44 -13.43
C TRP A 138 -4.03 5.06 -13.12
N PRO A 139 -5.29 4.98 -12.64
CA PRO A 139 -6.30 6.02 -12.44
C PRO A 139 -6.39 6.50 -10.98
N GLU A 140 -5.37 6.24 -10.17
CA GLU A 140 -5.48 6.52 -8.73
C GLU A 140 -5.71 8.00 -8.39
N GLU A 141 -5.08 8.92 -9.12
CA GLU A 141 -5.33 10.34 -8.87
C GLU A 141 -6.82 10.67 -9.08
N LEU A 142 -7.40 10.21 -10.18
CA LEU A 142 -8.83 10.39 -10.40
C LEU A 142 -9.64 9.78 -9.26
N ASN A 143 -9.30 8.53 -8.89
CA ASN A 143 -10.06 7.83 -7.85
C ASN A 143 -10.13 8.63 -6.55
N ARG A 144 -9.00 9.13 -6.06
CA ARG A 144 -9.03 9.87 -4.81
C ARG A 144 -9.69 11.25 -4.94
N ARG A 145 -9.52 11.90 -6.09
CA ARG A 145 -10.21 13.18 -6.30
C ARG A 145 -11.73 13.03 -6.26
N VAL A 146 -12.25 12.00 -6.93
CA VAL A 146 -13.69 11.75 -6.93
C VAL A 146 -14.17 11.44 -5.52
N THR A 147 -13.47 10.54 -4.86
CA THR A 147 -13.83 10.14 -3.51
C THR A 147 -13.87 11.35 -2.57
N ASP A 148 -12.84 12.18 -2.62
CA ASP A 148 -12.81 13.40 -1.79
C ASP A 148 -13.94 14.38 -2.12
N ALA A 149 -14.32 14.47 -3.40
CA ALA A 149 -15.39 15.39 -3.77
C ALA A 149 -16.73 15.03 -3.13
N VAL A 150 -16.97 13.73 -2.95
CA VAL A 150 -18.28 13.26 -2.48
C VAL A 150 -18.30 12.85 -1.02
N SER A 151 -17.16 12.92 -0.34
CA SER A 151 -17.08 12.44 1.04
C SER A 151 -17.61 13.46 2.07
N SER A 152 -18.14 12.96 3.18
CA SER A 152 -18.65 13.79 4.28
C SER A 152 -17.64 13.93 5.43
N TRP A 153 -16.67 13.02 5.51
CA TRP A 153 -15.54 13.13 6.42
C TRP A 153 -14.28 12.85 5.62
N HIS A 154 -13.21 13.57 5.90
CA HIS A 154 -11.94 13.41 5.21
C HIS A 154 -10.85 13.22 6.25
N PHE A 155 -10.30 12.01 6.33
CA PHE A 155 -9.26 11.72 7.29
C PHE A 155 -7.90 11.84 6.61
N ALA A 156 -7.31 13.02 6.73
CA ALA A 156 -6.09 13.39 6.01
C ALA A 156 -4.87 12.89 6.75
N PRO A 157 -3.90 12.31 6.02
CA PRO A 157 -2.71 11.75 6.70
C PRO A 157 -1.65 12.80 7.07
N THR A 158 -1.70 13.97 6.45
CA THR A 158 -0.71 15.02 6.66
C THR A 158 -1.36 16.39 6.58
N GLY A 159 -0.67 17.40 7.09
CA GLY A 159 -1.12 18.77 6.92
C GLY A 159 -1.19 19.17 5.46
N GLN A 160 -0.26 18.68 4.66
CA GLN A 160 -0.25 18.97 3.23
C GLN A 160 -1.51 18.41 2.53
N ALA A 161 -1.90 17.19 2.90
CA ALA A 161 -3.12 16.60 2.31
C ALA A 161 -4.34 17.41 2.75
N ARG A 162 -4.36 17.82 4.01
CA ARG A 162 -5.41 18.71 4.52
C ARG A 162 -5.47 19.99 3.68
N ASP A 163 -4.31 20.59 3.43
CA ASP A 163 -4.23 21.82 2.65
C ASP A 163 -4.75 21.63 1.23
N ASN A 164 -4.46 20.47 0.63
CA ASN A 164 -4.99 20.14 -0.69
C ASN A 164 -6.53 20.17 -0.67
N LEU A 165 -7.13 19.50 0.31
CA LEU A 165 -8.58 19.47 0.44
C LEU A 165 -9.18 20.86 0.60
N LEU A 166 -8.61 21.65 1.50
CA LEU A 166 -9.11 23.00 1.74
C LEU A 166 -9.04 23.85 0.47
N SER A 167 -7.97 23.67 -0.31
CA SER A 167 -7.76 24.45 -1.53
C SER A 167 -8.79 24.06 -2.59
N GLU A 168 -9.35 22.86 -2.46
CA GLU A 168 -10.35 22.35 -3.40
C GLU A 168 -11.78 22.72 -2.97
N GLY A 169 -11.91 23.44 -1.86
CA GLY A 169 -13.22 23.89 -1.41
C GLY A 169 -13.88 22.98 -0.38
N VAL A 170 -13.16 21.98 0.12
CA VAL A 170 -13.69 21.14 1.19
C VAL A 170 -13.78 21.96 2.48
N PRO A 171 -14.94 21.93 3.16
CA PRO A 171 -15.13 22.68 4.40
C PRO A 171 -14.16 22.25 5.49
N VAL A 172 -13.67 23.20 6.27
CA VAL A 172 -12.67 22.91 7.29
C VAL A 172 -13.16 21.88 8.31
N GLY A 173 -14.45 21.94 8.64
CA GLY A 173 -15.03 21.04 9.61
C GLY A 173 -15.07 19.59 9.17
N SER A 174 -14.90 19.36 7.87
CA SER A 174 -14.98 18.01 7.31
C SER A 174 -13.64 17.29 7.39
N VAL A 175 -12.57 18.08 7.52
CA VAL A 175 -11.21 17.54 7.46
C VAL A 175 -10.62 17.34 8.84
N VAL A 176 -10.23 16.10 9.13
CA VAL A 176 -9.54 15.79 10.37
C VAL A 176 -8.17 15.28 9.99
N MET A 177 -7.13 15.95 10.46
CA MET A 177 -5.77 15.50 10.18
C MET A 177 -5.40 14.45 11.23
N THR A 178 -5.47 13.18 10.83
CA THR A 178 -5.38 12.06 11.77
C THR A 178 -4.05 11.34 11.71
N GLY A 179 -3.22 11.66 10.74
CA GLY A 179 -2.10 10.81 10.39
C GLY A 179 -2.58 9.61 9.56
N ASN A 180 -1.63 8.74 9.19
CA ASN A 180 -1.94 7.60 8.34
C ASN A 180 -1.96 6.31 9.13
N THR A 181 -3.04 5.55 8.99
CA THR A 181 -3.19 4.28 9.70
C THR A 181 -2.12 3.25 9.33
N VAL A 182 -1.35 3.48 8.26
CA VAL A 182 -0.30 2.54 7.90
C VAL A 182 0.74 2.44 9.02
N ILE A 183 0.95 3.52 9.77
CA ILE A 183 1.87 3.48 10.89
C ILE A 183 1.32 2.57 11.98
N ASP A 184 0.00 2.64 12.19
CA ASP A 184 -0.64 1.76 13.17
C ASP A 184 -0.35 0.29 12.80
N ALA A 185 -0.54 -0.04 11.53
CA ALA A 185 -0.36 -1.41 11.05
C ALA A 185 1.10 -1.86 11.14
N LEU A 186 1.99 -0.98 10.68
CA LEU A 186 3.42 -1.24 10.74
C LEU A 186 3.89 -1.51 12.16
N HIS A 187 3.44 -0.68 13.10
CA HIS A 187 3.81 -0.85 14.50
C HIS A 187 3.28 -2.17 15.05
N ASP A 188 2.03 -2.52 14.70
CA ASP A 188 1.44 -3.76 15.16
CA ASP A 188 1.43 -3.76 15.16
C ASP A 188 2.27 -4.96 14.73
N VAL A 189 2.72 -4.95 13.48
CA VAL A 189 3.48 -6.07 12.93
C VAL A 189 4.92 -6.06 13.44
N LYS A 190 5.52 -4.88 13.54
CA LYS A 190 6.86 -4.77 14.10
C LYS A 190 6.88 -5.35 15.51
N HIS A 191 5.81 -5.11 16.26
CA HIS A 191 5.70 -5.63 17.63
CA HIS A 191 5.68 -5.63 17.63
C HIS A 191 5.56 -7.15 17.63
N MET A 192 4.79 -7.68 16.68
CA MET A 192 4.63 -9.13 16.56
C MET A 192 6.00 -9.79 16.48
N LEU A 193 6.86 -9.22 15.65
CA LEU A 193 8.20 -9.76 15.43
C LEU A 193 9.11 -9.58 16.64
N GLU A 194 9.09 -8.38 17.22
CA GLU A 194 9.97 -8.06 18.34
C GLU A 194 9.60 -8.81 19.62
N ARG A 195 8.32 -9.13 19.79
CA ARG A 195 7.85 -9.72 21.04
C ARG A 195 7.86 -11.25 21.04
N ASP A 196 8.13 -11.83 19.88
CA ASP A 196 8.13 -13.29 19.73
C ASP A 196 9.34 -13.74 18.91
N ASP A 197 10.32 -14.32 19.60
CA ASP A 197 11.54 -14.78 18.93
C ASP A 197 11.28 -16.01 18.07
N ALA A 198 10.35 -16.85 18.50
CA ALA A 198 9.98 -18.04 17.75
C ALA A 198 9.36 -17.64 16.42
N LEU A 199 8.48 -16.64 16.47
CA LEU A 199 7.85 -16.13 15.27
C LEU A 199 8.88 -15.53 14.34
N SER A 200 9.77 -14.71 14.89
CA SER A 200 10.83 -14.08 14.10
C SER A 200 11.74 -15.11 13.44
N ARG A 201 12.08 -16.17 14.19
CA ARG A 201 12.88 -17.25 13.62
C ARG A 201 12.16 -17.96 12.49
N GLU A 202 10.87 -18.23 12.68
CA GLU A 202 10.08 -18.91 11.66
C GLU A 202 10.00 -18.08 10.38
N VAL A 203 9.72 -16.78 10.54
CA VAL A 203 9.66 -15.87 9.40
C VAL A 203 10.97 -15.86 8.63
N ALA A 204 12.09 -15.73 9.36
CA ALA A 204 13.40 -15.71 8.72
C ALA A 204 13.66 -17.00 7.96
N ALA A 205 13.20 -18.12 8.53
CA ALA A 205 13.44 -19.43 7.93
C ALA A 205 12.65 -19.66 6.63
N ARG A 206 11.74 -18.75 6.31
CA ARG A 206 11.00 -18.83 5.05
C ARG A 206 11.89 -18.46 3.88
N PHE A 207 13.03 -17.84 4.16
CA PHE A 207 13.92 -17.37 3.12
C PHE A 207 15.32 -17.96 3.24
N PRO A 208 15.45 -19.29 3.10
CA PRO A 208 16.75 -19.93 3.34
C PRO A 208 17.82 -19.54 2.31
N PHE A 209 17.40 -18.93 1.21
CA PHE A 209 18.34 -18.47 0.20
C PHE A 209 19.08 -17.21 0.61
N LEU A 210 18.54 -16.50 1.60
CA LEU A 210 19.20 -15.28 2.08
C LEU A 210 20.51 -15.60 2.79
N ASP A 211 21.53 -14.81 2.48
CA ASP A 211 22.85 -14.95 3.08
C ASP A 211 23.01 -13.81 4.06
N PRO A 212 23.17 -14.13 5.36
CA PRO A 212 23.32 -13.09 6.38
C PRO A 212 24.51 -12.16 6.16
N THR A 213 25.47 -12.57 5.33
CA THR A 213 26.64 -11.74 5.09
C THR A 213 26.49 -10.86 3.85
N ALA A 214 25.36 -10.99 3.15
CA ALA A 214 25.13 -10.24 1.92
C ALA A 214 24.14 -9.10 2.13
N ARG A 215 24.45 -7.94 1.57
CA ARG A 215 23.48 -6.84 1.55
C ARG A 215 22.30 -7.20 0.67
N MET A 216 21.11 -6.83 1.12
CA MET A 216 19.87 -7.17 0.42
CA MET A 216 19.90 -7.17 0.39
C MET A 216 19.16 -5.91 -0.08
N VAL A 217 18.69 -5.95 -1.32
CA VAL A 217 17.86 -4.87 -1.85
C VAL A 217 16.47 -5.43 -2.09
N LEU A 218 15.46 -4.73 -1.60
CA LEU A 218 14.08 -5.19 -1.71
C LEU A 218 13.37 -4.38 -2.79
N ILE A 219 12.65 -5.08 -3.67
CA ILE A 219 12.09 -4.48 -4.88
C ILE A 219 10.62 -4.81 -5.05
N THR A 220 9.79 -3.82 -5.41
CA THR A 220 8.45 -4.10 -5.93
C THR A 220 8.13 -3.12 -7.07
N GLY A 221 7.19 -3.50 -7.93
CA GLY A 221 6.81 -2.61 -9.02
C GLY A 221 5.49 -2.98 -9.65
N HIS A 222 4.54 -2.05 -9.68
CA HIS A 222 3.24 -2.36 -10.31
C HIS A 222 2.43 -1.15 -10.78
N ARG A 223 2.98 0.07 -10.79
CA ARG A 223 2.17 1.22 -11.22
C ARG A 223 1.65 1.02 -12.66
N ARG A 224 0.35 1.25 -12.85
CA ARG A 224 -0.32 0.98 -14.11
C ARG A 224 0.23 1.83 -15.26
N GLU A 225 0.54 3.10 -14.99
CA GLU A 225 1.11 3.97 -16.01
C GLU A 225 2.50 3.51 -16.47
N SER A 226 3.10 2.60 -15.71
CA SER A 226 4.44 2.10 -16.07
C SER A 226 4.41 0.79 -16.84
N PHE A 227 3.22 0.23 -17.09
CA PHE A 227 3.15 -1.03 -17.82
C PHE A 227 3.80 -0.86 -19.20
N GLY A 228 4.49 -1.88 -19.67
CA GLY A 228 5.11 -1.84 -20.98
C GLY A 228 6.55 -1.35 -20.94
N GLU A 229 6.83 -0.27 -21.67
CA GLU A 229 8.20 0.23 -21.80
C GLU A 229 8.88 0.71 -20.51
N PRO A 230 8.17 1.49 -19.67
CA PRO A 230 8.86 1.89 -18.43
C PRO A 230 9.23 0.69 -17.55
N PHE A 231 8.33 -0.28 -17.43
CA PHE A 231 8.62 -1.48 -16.64
C PHE A 231 9.78 -2.27 -17.23
N ARG A 232 9.83 -2.36 -18.56
CA ARG A 232 10.92 -3.05 -19.24
C ARG A 232 12.26 -2.39 -18.88
N ASN A 233 12.29 -1.06 -18.91
CA ASN A 233 13.52 -0.34 -18.55
C ASN A 233 13.91 -0.56 -17.09
N PHE A 234 12.92 -0.57 -16.20
CA PHE A 234 13.16 -0.88 -14.80
C PHE A 234 13.79 -2.25 -14.63
N CYS A 235 13.27 -3.24 -15.33
CA CYS A 235 13.84 -4.59 -15.27
C CYS A 235 15.29 -4.61 -15.78
N GLU A 236 15.58 -3.89 -16.85
CA GLU A 236 16.94 -3.88 -17.37
C GLU A 236 17.89 -3.20 -16.38
N ALA A 237 17.41 -2.18 -15.69
CA ALA A 237 18.21 -1.54 -14.64
C ALA A 237 18.55 -2.54 -13.54
N LEU A 238 17.55 -3.34 -13.14
CA LEU A 238 17.78 -4.37 -12.12
C LEU A 238 18.83 -5.39 -12.57
N ARG A 239 18.77 -5.80 -13.83
CA ARG A 239 19.75 -6.74 -14.37
CA ARG A 239 19.75 -6.75 -14.33
C ARG A 239 21.16 -6.15 -14.30
N THR A 240 21.27 -4.90 -14.70
CA THR A 240 22.57 -4.22 -14.70
C THR A 240 23.13 -4.17 -13.27
N LEU A 241 22.26 -3.82 -12.32
CA LEU A 241 22.67 -3.79 -10.91
C LEU A 241 23.08 -5.16 -10.41
N ALA A 242 22.30 -6.17 -10.76
CA ALA A 242 22.59 -7.54 -10.30
C ALA A 242 23.95 -7.99 -10.82
N HIS A 243 24.27 -7.62 -12.05
CA HIS A 243 25.56 -7.97 -12.65
C HIS A 243 26.72 -7.22 -11.99
N ARG A 244 26.47 -5.98 -11.60
CA ARG A 244 27.51 -5.16 -11.00
C ARG A 244 27.78 -5.59 -9.56
N TYR A 245 26.74 -6.06 -8.88
CA TYR A 245 26.82 -6.45 -7.49
C TYR A 245 26.47 -7.92 -7.29
N ARG A 246 27.33 -8.81 -7.77
CA ARG A 246 27.03 -10.23 -7.74
C ARG A 246 27.01 -10.77 -6.32
N ASP A 247 27.56 -9.99 -5.39
CA ASP A 247 27.62 -10.36 -3.98
CA ASP A 247 27.58 -10.41 -4.00
C ASP A 247 26.43 -9.84 -3.18
N ALA A 248 25.58 -9.03 -3.83
CA ALA A 248 24.36 -8.54 -3.18
C ALA A 248 23.19 -9.41 -3.60
N GLN A 249 22.12 -9.41 -2.80
CA GLN A 249 20.93 -10.18 -3.13
C GLN A 249 19.74 -9.26 -3.36
N PHE A 250 19.10 -9.44 -4.50
CA PHE A 250 18.00 -8.59 -4.92
C PHE A 250 16.72 -9.40 -4.82
N VAL A 251 15.89 -9.05 -3.83
CA VAL A 251 14.70 -9.83 -3.51
C VAL A 251 13.48 -9.09 -4.01
N TYR A 252 12.69 -9.75 -4.85
CA TYR A 252 11.60 -9.08 -5.56
C TYR A 252 10.30 -9.89 -5.43
N PRO A 253 9.47 -9.52 -4.44
CA PRO A 253 8.15 -10.13 -4.35
C PRO A 253 7.29 -9.61 -5.48
N LEU A 254 6.92 -10.51 -6.39
CA LEU A 254 6.17 -10.15 -7.58
C LEU A 254 4.78 -9.70 -7.21
N HIS A 255 4.14 -8.97 -8.12
CA HIS A 255 2.73 -8.62 -8.01
C HIS A 255 1.98 -9.59 -8.93
N LEU A 256 0.73 -9.91 -8.61
CA LEU A 256 -0.04 -10.87 -9.41
C LEU A 256 -0.65 -10.29 -10.69
N ASN A 257 -0.62 -8.97 -10.86
CA ASN A 257 -1.10 -8.38 -12.11
C ASN A 257 -0.28 -8.96 -13.26
N PRO A 258 -0.94 -9.61 -14.23
CA PRO A 258 -0.18 -10.27 -15.31
C PRO A 258 0.70 -9.32 -16.13
N ASN A 259 0.35 -8.03 -16.12
CA ASN A 259 1.09 -7.06 -16.88
C ASN A 259 2.46 -6.80 -16.32
N VAL A 260 2.68 -7.15 -15.06
CA VAL A 260 4.03 -7.08 -14.48
C VAL A 260 4.59 -8.46 -14.10
N ARG A 261 3.74 -9.39 -13.67
CA ARG A 261 4.24 -10.72 -13.33
C ARG A 261 4.91 -11.42 -14.51
N GLU A 262 4.27 -11.38 -15.66
CA GLU A 262 4.81 -12.12 -16.81
C GLU A 262 6.12 -11.52 -17.35
N PRO A 263 6.17 -10.19 -17.56
CA PRO A 263 7.48 -9.66 -17.99
C PRO A 263 8.57 -9.78 -16.92
N ALA A 264 8.23 -9.71 -15.65
CA ALA A 264 9.26 -9.85 -14.61
C ALA A 264 9.90 -11.23 -14.70
N LEU A 265 9.06 -12.26 -14.82
CA LEU A 265 9.56 -13.63 -14.91
C LEU A 265 10.39 -13.81 -16.18
N ALA A 266 9.90 -13.28 -17.30
CA ALA A 266 10.58 -13.45 -18.58
C ALA A 266 11.93 -12.76 -18.61
N LEU A 267 12.00 -11.57 -18.02
CA LEU A 267 13.20 -10.74 -18.12
C LEU A 267 14.24 -11.00 -17.04
N LEU A 268 13.78 -11.38 -15.84
CA LEU A 268 14.65 -11.43 -14.67
C LEU A 268 14.89 -12.84 -14.14
N GLY A 269 14.21 -13.82 -14.73
CA GLY A 269 14.24 -15.18 -14.24
C GLY A 269 15.58 -15.91 -14.28
N GLY A 270 16.52 -15.43 -15.09
CA GLY A 270 17.78 -16.13 -15.25
C GLY A 270 18.95 -15.60 -14.44
N GLU A 271 18.70 -14.69 -13.50
CA GLU A 271 19.78 -14.09 -12.74
C GLU A 271 19.97 -14.73 -11.35
N ALA A 272 21.19 -15.19 -11.09
CA ALA A 272 21.47 -15.95 -9.88
C ALA A 272 21.18 -15.19 -8.59
N ASN A 273 21.35 -13.88 -8.61
CA ASN A 273 21.18 -13.08 -7.39
C ASN A 273 19.96 -12.18 -7.42
N ILE A 274 19.03 -12.48 -8.33
CA ILE A 274 17.70 -11.88 -8.30
C ILE A 274 16.74 -12.98 -7.89
N TYR A 275 16.07 -12.78 -6.75
CA TYR A 275 15.16 -13.78 -6.21
C TYR A 275 13.72 -13.31 -6.40
N LEU A 276 13.08 -13.82 -7.44
CA LEU A 276 11.68 -13.51 -7.70
C LEU A 276 10.83 -14.41 -6.82
N ILE A 277 10.07 -13.85 -5.90
CA ILE A 277 9.24 -14.65 -5.00
C ILE A 277 7.78 -14.23 -5.08
N GLU A 278 6.88 -15.01 -4.49
CA GLU A 278 5.47 -14.67 -4.50
C GLU A 278 5.24 -13.40 -3.68
N PRO A 279 4.12 -12.70 -3.93
CA PRO A 279 3.76 -11.61 -3.01
C PRO A 279 3.75 -12.13 -1.58
N GLN A 280 4.35 -11.36 -0.67
CA GLN A 280 4.53 -11.80 0.70
C GLN A 280 3.46 -11.26 1.63
N GLU A 281 3.00 -12.08 2.57
CA GLU A 281 2.09 -11.61 3.61
CA GLU A 281 2.06 -11.55 3.53
C GLU A 281 2.80 -10.51 4.38
N TYR A 282 2.04 -9.57 4.94
CA TYR A 282 2.61 -8.35 5.51
C TYR A 282 3.65 -8.57 6.62
N LEU A 283 3.41 -9.58 7.45
CA LEU A 283 4.36 -9.93 8.51
C LEU A 283 5.76 -10.23 7.92
N ALA A 284 5.79 -11.09 6.91
CA ALA A 284 7.05 -11.42 6.25
C ALA A 284 7.60 -10.21 5.50
N PHE A 285 6.71 -9.41 4.92
CA PHE A 285 7.21 -8.28 4.13
C PHE A 285 7.84 -7.20 5.01
N VAL A 286 7.29 -6.97 6.20
CA VAL A 286 7.90 -6.06 7.15
C VAL A 286 9.27 -6.58 7.59
N TYR A 287 9.36 -7.89 7.81
CA TYR A 287 10.65 -8.51 8.11
C TYR A 287 11.66 -8.19 7.00
N LEU A 288 11.25 -8.34 5.75
CA LEU A 288 12.14 -8.08 4.62
C LEU A 288 12.53 -6.61 4.53
N MET A 289 11.57 -5.70 4.73
CA MET A 289 11.89 -4.27 4.71
C MET A 289 12.94 -3.95 5.79
N SER A 290 12.76 -4.52 6.97
CA SER A 290 13.65 -4.25 8.08
C SER A 290 15.05 -4.80 7.83
N ARG A 291 15.12 -5.90 7.08
CA ARG A 291 16.39 -6.54 6.77
C ARG A 291 17.14 -5.83 5.62
N SER A 292 16.40 -5.09 4.81
CA SER A 292 16.95 -4.53 3.57
C SER A 292 18.03 -3.49 3.82
N HIS A 293 18.97 -3.42 2.88
CA HIS A 293 19.91 -2.31 2.85
C HIS A 293 19.14 -1.08 2.30
N PHE A 294 18.49 -1.24 1.15
CA PHE A 294 17.59 -0.21 0.68
C PHE A 294 16.50 -0.83 -0.19
N ILE A 295 15.57 0.01 -0.61
CA ILE A 295 14.35 -0.41 -1.30
C ILE A 295 14.25 0.29 -2.63
N ILE A 296 13.82 -0.43 -3.66
CA ILE A 296 13.50 0.13 -4.97
C ILE A 296 12.04 -0.17 -5.22
N THR A 297 11.20 0.86 -5.34
CA THR A 297 9.77 0.61 -5.41
C THR A 297 8.97 1.74 -6.03
N ASP A 298 7.82 1.40 -6.60
CA ASP A 298 6.82 2.41 -6.99
C ASP A 298 5.50 2.28 -6.19
N SER A 299 5.58 1.56 -5.07
CA SER A 299 4.47 1.39 -4.15
C SER A 299 4.19 2.65 -3.35
N GLY A 300 2.91 2.97 -3.17
CA GLY A 300 2.52 4.08 -2.31
C GLY A 300 2.78 3.79 -0.85
N GLY A 301 2.32 2.65 -0.37
CA GLY A 301 2.50 2.31 1.02
C GLY A 301 3.95 2.13 1.44
N ILE A 302 4.76 1.53 0.56
CA ILE A 302 6.18 1.38 0.89
C ILE A 302 6.88 2.73 0.96
N GLN A 303 6.43 3.71 0.17
CA GLN A 303 6.99 5.07 0.26
CA GLN A 303 7.02 5.05 0.26
C GLN A 303 6.75 5.68 1.63
N GLU A 304 5.73 5.20 2.33
CA GLU A 304 5.44 5.63 3.69
C GLU A 304 6.20 4.79 4.72
N GLU A 305 6.19 3.47 4.54
CA GLU A 305 6.80 2.55 5.49
C GLU A 305 8.33 2.56 5.50
N GLY A 306 8.94 2.53 4.31
CA GLY A 306 10.38 2.49 4.18
C GLY A 306 11.08 3.60 4.94
N PRO A 307 10.72 4.86 4.64
CA PRO A 307 11.34 5.97 5.36
C PRO A 307 11.05 5.93 6.86
N ALA A 308 9.89 5.42 7.27
CA ALA A 308 9.58 5.26 8.70
C ALA A 308 10.53 4.27 9.39
N LEU A 309 10.99 3.27 8.64
CA LEU A 309 11.94 2.26 9.12
C LEU A 309 13.41 2.69 8.97
N GLY A 310 13.63 3.92 8.48
CA GLY A 310 14.97 4.42 8.24
C GLY A 310 15.67 3.84 7.02
N LYS A 311 14.92 3.31 6.06
CA LYS A 311 15.53 2.71 4.87
C LYS A 311 15.47 3.68 3.68
N PRO A 312 16.62 3.90 3.02
CA PRO A 312 16.57 4.69 1.78
C PRO A 312 15.64 4.05 0.77
N VAL A 313 14.84 4.85 0.10
CA VAL A 313 13.92 4.35 -0.92
C VAL A 313 14.19 5.04 -2.24
N LEU A 314 14.46 4.24 -3.27
CA LEU A 314 14.53 4.76 -4.63
C LEU A 314 13.16 4.54 -5.26
N VAL A 315 12.46 5.64 -5.53
CA VAL A 315 11.09 5.61 -6.01
C VAL A 315 11.06 5.61 -7.54
N THR A 316 10.61 4.50 -8.12
CA THR A 316 10.66 4.33 -9.57
C THR A 316 9.44 4.96 -10.25
N ARG A 317 9.23 6.23 -9.94
CA ARG A 317 8.15 7.02 -10.52
C ARG A 317 8.71 8.37 -10.93
N ASP A 318 8.05 9.01 -11.89
CA ASP A 318 8.43 10.37 -12.31
C ASP A 318 7.73 11.44 -11.49
N THR A 319 6.81 11.00 -10.63
CA THR A 319 6.15 11.92 -9.73
C THR A 319 5.65 11.13 -8.51
N THR A 320 5.22 11.84 -7.49
CA THR A 320 4.68 11.20 -6.30
C THR A 320 3.67 12.10 -5.62
N GLU A 321 2.84 11.51 -4.77
CA GLU A 321 1.90 12.26 -3.95
C GLU A 321 2.34 12.23 -2.49
N ARG A 322 3.55 11.73 -2.24
CA ARG A 322 4.15 11.70 -0.91
C ARG A 322 5.46 12.51 -0.92
N PRO A 323 5.35 13.84 -0.83
CA PRO A 323 6.52 14.69 -1.00
C PRO A 323 7.46 14.72 0.21
N GLU A 324 6.96 14.35 1.38
CA GLU A 324 7.71 14.59 2.62
C GLU A 324 9.06 13.85 2.67
N ALA A 325 9.05 12.57 2.30
CA ALA A 325 10.27 11.78 2.30
C ALA A 325 11.28 12.28 1.27
N ILE A 326 10.77 12.76 0.14
CA ILE A 326 11.63 13.35 -0.89
C ILE A 326 12.31 14.59 -0.32
N ARG A 327 11.53 15.43 0.32
CA ARG A 327 12.05 16.67 0.90
C ARG A 327 13.06 16.39 2.02
N ALA A 328 12.81 15.33 2.79
CA ALA A 328 13.72 14.96 3.87
C ALA A 328 14.98 14.24 3.36
N GLY A 329 14.94 13.77 2.13
CA GLY A 329 16.10 13.13 1.53
C GLY A 329 16.11 11.61 1.63
N THR A 330 15.21 11.04 2.41
N THR A 330 15.23 11.04 2.45
CA THR A 330 15.24 9.60 2.68
CA THR A 330 15.24 9.60 2.68
C THR A 330 14.72 8.82 1.46
C THR A 330 14.74 8.82 1.46
N ALA A 331 13.99 9.51 0.59
CA ALA A 331 13.55 8.93 -0.67
C ALA A 331 14.04 9.82 -1.80
N ARG A 332 14.39 9.22 -2.93
CA ARG A 332 14.74 9.95 -4.14
C ARG A 332 13.91 9.41 -5.30
N LEU A 333 13.39 10.30 -6.14
CA LEU A 333 12.71 9.88 -7.36
C LEU A 333 13.74 9.45 -8.41
N VAL A 334 13.57 8.26 -8.97
CA VAL A 334 14.46 7.77 -10.01
C VAL A 334 13.73 7.43 -11.31
N GLY A 335 12.40 7.46 -11.28
CA GLY A 335 11.63 7.14 -12.47
C GLY A 335 11.98 5.75 -13.01
N THR A 336 11.96 5.60 -14.33
CA THR A 336 12.29 4.32 -14.93
C THR A 336 13.45 4.45 -15.92
N ASP A 337 14.23 5.52 -15.75
CA ASP A 337 15.46 5.74 -16.51
C ASP A 337 16.51 4.77 -15.97
N PRO A 338 16.96 3.80 -16.80
CA PRO A 338 17.90 2.79 -16.28
C PRO A 338 19.20 3.40 -15.78
N GLU A 339 19.73 4.38 -16.50
CA GLU A 339 20.99 4.99 -16.08
C GLU A 339 20.86 5.64 -14.70
N LEU A 340 19.73 6.28 -14.45
CA LEU A 340 19.51 6.97 -13.17
C LEU A 340 19.29 5.97 -12.03
N ILE A 341 18.48 4.94 -12.29
CA ILE A 341 18.29 3.89 -11.30
C ILE A 341 19.63 3.28 -10.89
N VAL A 342 20.42 2.91 -11.89
CA VAL A 342 21.70 2.27 -11.64
C VAL A 342 22.65 3.19 -10.87
N ARG A 343 22.67 4.46 -11.24
N ARG A 343 22.71 4.47 -11.25
CA ARG A 343 23.54 5.45 -10.62
CA ARG A 343 23.59 5.40 -10.55
C ARG A 343 23.19 5.66 -9.14
C ARG A 343 23.19 5.56 -9.09
N GLU A 344 21.90 5.78 -8.85
CA GLU A 344 21.43 6.04 -7.50
C GLU A 344 21.61 4.81 -6.60
N ALA A 345 21.31 3.63 -7.14
CA ALA A 345 21.50 2.40 -6.39
C ALA A 345 22.98 2.15 -6.12
N SER A 346 23.81 2.37 -7.15
CA SER A 346 25.24 2.15 -7.01
C SER A 346 25.83 3.04 -5.92
N ARG A 347 25.37 4.29 -5.84
CA ARG A 347 25.89 5.21 -4.81
C ARG A 347 25.63 4.64 -3.40
N LEU A 348 24.45 4.05 -3.21
CA LEU A 348 24.09 3.51 -1.90
C LEU A 348 24.90 2.26 -1.53
N PHE A 349 25.33 1.51 -2.54
CA PHE A 349 26.24 0.38 -2.31
C PHE A 349 27.67 0.85 -2.08
N ASP A 350 28.09 1.84 -2.86
CA ASP A 350 29.51 2.19 -2.96
C ASP A 350 29.98 3.16 -1.89
N SER A 351 29.04 3.95 -1.36
CA SER A 351 29.37 5.04 -0.47
C SER A 351 28.61 4.89 0.85
N ALA A 352 29.32 4.43 1.88
CA ALA A 352 28.71 4.28 3.20
C ALA A 352 28.35 5.64 3.80
N SER A 353 29.04 6.70 3.38
CA SER A 353 28.70 8.04 3.85
C SER A 353 27.43 8.55 3.17
N ALA A 354 27.26 8.27 1.88
CA ALA A 354 26.00 8.59 1.21
C ALA A 354 24.86 7.82 1.87
N TYR A 355 25.13 6.56 2.21
CA TYR A 355 24.11 5.74 2.82
C TYR A 355 23.68 6.32 4.16
N ASP A 356 24.64 6.70 5.01
CA ASP A 356 24.29 7.26 6.31
C ASP A 356 23.59 8.61 6.17
N GLU A 357 23.93 9.35 5.12
CA GLU A 357 23.33 10.65 4.92
C GLU A 357 21.85 10.47 4.55
N MET A 358 21.54 9.37 3.88
CA MET A 358 20.20 9.13 3.37
C MET A 358 19.31 8.27 4.27
N ALA A 359 19.93 7.35 5.01
CA ALA A 359 19.20 6.40 5.86
C ALA A 359 18.82 7.02 7.18
N ARG A 360 17.81 7.88 7.14
CA ARG A 360 17.34 8.61 8.30
C ARG A 360 15.85 8.39 8.42
N ALA A 361 15.39 8.02 9.60
CA ALA A 361 13.95 7.87 9.82
C ALA A 361 13.19 9.14 9.47
N SER A 362 12.13 8.99 8.69
CA SER A 362 11.25 10.10 8.34
C SER A 362 9.82 9.59 8.48
N ASN A 363 9.03 10.23 9.33
CA ASN A 363 7.64 9.85 9.52
C ASN A 363 6.75 11.05 9.80
N PRO A 364 6.14 11.61 8.75
CA PRO A 364 5.20 12.71 8.90
C PRO A 364 3.77 12.22 9.11
N TYR A 365 3.61 10.92 9.37
CA TYR A 365 2.28 10.29 9.33
C TYR A 365 1.67 9.98 10.70
N GLY A 366 2.29 10.47 11.76
CA GLY A 366 1.69 10.34 13.07
C GLY A 366 2.20 9.17 13.88
N ASP A 367 1.71 9.05 15.11
CA ASP A 367 2.30 8.18 16.12
C ASP A 367 1.85 6.71 16.07
N GLY A 368 1.06 6.33 15.06
CA GLY A 368 0.55 4.97 15.01
C GLY A 368 -0.76 4.80 15.75
N HIS A 369 -1.42 5.91 16.06
CA HIS A 369 -2.74 5.87 16.69
C HIS A 369 -3.74 6.65 15.84
N ALA A 370 -3.55 6.61 14.53
CA ALA A 370 -4.47 7.27 13.60
C ALA A 370 -5.86 6.67 13.71
N SER A 371 -5.94 5.36 13.93
CA SER A 371 -7.23 4.68 14.00
C SER A 371 -8.06 5.24 15.14
N GLU A 372 -7.43 5.44 16.30
CA GLU A 372 -8.14 5.98 17.45
C GLU A 372 -8.65 7.39 17.18
N ARG A 373 -7.87 8.16 16.43
CA ARG A 373 -8.30 9.51 16.10
C ARG A 373 -9.48 9.51 15.14
N ILE A 374 -9.48 8.59 14.19
CA ILE A 374 -10.61 8.42 13.28
C ILE A 374 -11.86 8.01 14.04
N VAL A 375 -11.73 7.02 14.92
CA VAL A 375 -12.84 6.57 15.76
C VAL A 375 -13.40 7.73 16.60
N HIS A 376 -12.52 8.51 17.20
CA HIS A 376 -12.95 9.63 18.03
C HIS A 376 -13.77 10.64 17.23
N ALA A 377 -13.31 10.95 16.01
CA ALA A 377 -14.04 11.90 15.16
C ALA A 377 -15.43 11.37 14.81
N LEU A 378 -15.50 10.07 14.51
CA LEU A 378 -16.76 9.44 14.13
C LEU A 378 -17.74 9.29 15.29
N MET A 379 -17.22 9.07 16.49
CA MET A 379 -18.08 8.79 17.65
C MET A 379 -18.34 10.01 18.53
N HIS A 380 -17.31 10.83 18.73
CA HIS A 380 -17.41 11.97 19.63
C HIS A 380 -17.45 13.27 18.84
N ALA A 396 8.49 -22.49 3.51
CA ALA A 396 9.55 -21.64 2.96
C ALA A 396 9.14 -21.09 1.60
N GLU A 397 9.69 -19.94 1.25
CA GLU A 397 9.41 -19.30 -0.03
C GLU A 397 10.50 -19.68 -1.04
N LEU A 398 10.10 -20.41 -2.07
CA LEU A 398 11.04 -20.81 -3.12
C LEU A 398 11.00 -19.78 -4.25
N PRO A 399 12.18 -19.30 -4.68
CA PRO A 399 12.23 -18.33 -5.78
C PRO A 399 11.67 -18.90 -7.07
N LEU A 400 11.04 -18.04 -7.86
CA LEU A 400 10.45 -18.45 -9.14
C LEU A 400 11.50 -18.40 -10.23
N ASN A 401 11.59 -19.48 -11.02
CA ASN A 401 12.59 -19.56 -12.08
C ASN A 401 12.05 -20.35 -13.26
#